data_7F2W
#
_entry.id   7F2W
#
_cell.length_a   146.362
_cell.length_b   146.362
_cell.length_c   132.407
_cell.angle_alpha   90.000
_cell.angle_beta   90.000
_cell.angle_gamma   90.000
#
_symmetry.space_group_name_H-M   'I 4 2 2'
#
loop_
_entity.id
_entity.type
_entity.pdbx_description
1 polymer Uricase
2 non-polymer 'URIC ACID'
3 water water
#
_entity_poly.entity_id   1
_entity_poly.type   'polypeptide(L)'
_entity_poly.pdbx_seq_one_letter_code
;GSHMAIVLGRNQYGKAEVRVFRVYRDTPRHEVRDLNVWTALRGDFTDAHVTGDQSHVLPTDTQKNTVYALAKKEGIRAIE
DFALTLGDHFLRQVPAATGARIAIEEYAWDRIDVDGTGHDHGFVRRGQGTRTTVVTVEGRGDERRAWVLSGISDLIIAKT
TGSEFHGFLKDEYTTLEETHDRILATSLHTRWRYLTTDVDWDKTFASVRSILLRQFATVHSLALQQTLYAMGSAVLEAHP
EIAEIRLSAPNKHHFLVDLQPFGLDNPGEVFYASDRPYGLIEASVVRDDVPEAPEAWLATPGFC
;
_entity_poly.pdbx_strand_id   A,B
#
# COMPACT_ATOMS: atom_id res chain seq x y z
N ALA A 5 -18.08 22.98 10.13
CA ALA A 5 -18.48 22.29 8.91
C ALA A 5 -17.64 21.00 8.73
N ILE A 6 -17.64 20.17 9.77
CA ILE A 6 -16.85 18.95 9.82
C ILE A 6 -17.80 17.78 9.67
N VAL A 7 -17.57 16.96 8.62
CA VAL A 7 -18.47 15.88 8.26
C VAL A 7 -17.64 14.64 7.92
N LEU A 8 -18.32 13.50 7.93
CA LEU A 8 -17.72 12.24 7.52
C LEU A 8 -17.60 12.18 5.99
N GLY A 9 -16.40 11.87 5.50
CA GLY A 9 -16.17 11.67 4.07
C GLY A 9 -16.19 10.19 3.70
N ARG A 10 -15.31 9.82 2.78
CA ARG A 10 -15.27 8.45 2.31
C ARG A 10 -14.93 7.50 3.44
N ASN A 11 -15.55 6.32 3.42
CA ASN A 11 -15.31 5.33 4.46
C ASN A 11 -15.63 3.95 3.90
N GLN A 12 -14.99 2.95 4.49
CA GLN A 12 -15.26 1.55 4.16
C GLN A 12 -14.80 0.72 5.34
N TYR A 13 -15.35 -0.49 5.41
CA TYR A 13 -15.01 -1.38 6.51
C TYR A 13 -15.24 -2.83 6.06
N GLY A 14 -14.48 -3.73 6.65
CA GLY A 14 -14.72 -5.14 6.40
C GLY A 14 -13.71 -5.97 7.16
N LYS A 15 -13.63 -7.25 6.80
CA LYS A 15 -12.66 -8.14 7.41
C LYS A 15 -11.45 -8.30 6.49
N ALA A 16 -10.26 -8.15 7.06
CA ALA A 16 -9.01 -8.25 6.31
C ALA A 16 -8.32 -9.56 6.61
N GLU A 17 -7.78 -10.19 5.57
CA GLU A 17 -6.89 -11.35 5.66
C GLU A 17 -7.57 -12.56 6.29
N VAL A 18 -8.69 -12.95 5.69
CA VAL A 18 -9.38 -14.19 6.03
C VAL A 18 -8.71 -15.31 5.26
N ARG A 19 -7.96 -16.17 5.95
CA ARG A 19 -7.24 -17.27 5.32
C ARG A 19 -8.17 -18.47 5.18
N VAL A 20 -8.59 -18.77 3.96
CA VAL A 20 -9.49 -19.90 3.70
C VAL A 20 -8.75 -20.90 2.81
N PHE A 21 -8.74 -22.15 3.26
CA PHE A 21 -8.10 -23.27 2.58
C PHE A 21 -9.24 -24.22 2.22
N ARG A 22 -9.52 -24.36 0.92
CA ARG A 22 -10.63 -25.16 0.42
C ARG A 22 -10.07 -26.41 -0.26
N VAL A 23 -10.61 -27.56 0.10
CA VAL A 23 -10.15 -28.84 -0.44
C VAL A 23 -11.29 -29.47 -1.23
N TYR A 24 -11.01 -29.84 -2.48
CA TYR A 24 -11.94 -30.60 -3.31
C TYR A 24 -11.53 -32.06 -3.27
N ARG A 25 -12.41 -32.91 -2.75
CA ARG A 25 -12.03 -34.28 -2.44
C ARG A 25 -13.11 -35.28 -2.84
N ASP A 26 -13.86 -34.99 -3.89
CA ASP A 26 -14.87 -35.94 -4.37
C ASP A 26 -14.24 -37.19 -4.95
N THR A 27 -12.97 -37.14 -5.38
CA THR A 27 -12.17 -38.29 -5.78
C THR A 27 -10.91 -38.32 -4.93
N PRO A 28 -10.23 -39.46 -4.84
CA PRO A 28 -9.04 -39.53 -3.96
C PRO A 28 -7.91 -38.59 -4.38
N ARG A 29 -8.02 -37.94 -5.52
CA ARG A 29 -7.03 -36.98 -6.01
C ARG A 29 -7.47 -35.58 -5.62
N HIS A 30 -7.00 -35.13 -4.46
CA HIS A 30 -7.44 -33.87 -3.91
C HIS A 30 -6.91 -32.68 -4.69
N GLU A 31 -7.67 -31.59 -4.68
CA GLU A 31 -7.20 -30.31 -5.17
C GLU A 31 -7.39 -29.27 -4.08
N VAL A 32 -6.49 -28.29 -4.03
CA VAL A 32 -6.49 -27.30 -2.96
C VAL A 32 -6.62 -25.90 -3.56
N ARG A 33 -7.35 -25.04 -2.86
CA ARG A 33 -7.40 -23.60 -3.12
C ARG A 33 -7.01 -22.92 -1.82
N ASP A 34 -5.92 -22.15 -1.86
CA ASP A 34 -5.34 -21.55 -0.67
C ASP A 34 -5.42 -20.03 -0.85
N LEU A 35 -6.28 -19.40 -0.06
CA LEU A 35 -6.70 -18.02 -0.34
C LEU A 35 -6.54 -17.13 0.87
N ASN A 36 -6.28 -15.86 0.60
CA ASN A 36 -6.30 -14.79 1.60
C ASN A 36 -7.26 -13.73 1.10
N VAL A 37 -8.31 -13.44 1.88
CA VAL A 37 -9.46 -12.67 1.39
C VAL A 37 -9.65 -11.40 2.24
N TRP A 38 -9.89 -10.28 1.57
CA TRP A 38 -10.26 -9.01 2.18
C TRP A 38 -11.66 -8.63 1.70
N THR A 39 -12.53 -8.24 2.61
CA THR A 39 -13.82 -7.65 2.25
C THR A 39 -13.86 -6.20 2.70
N ALA A 40 -14.56 -5.38 1.93
CA ALA A 40 -14.76 -3.98 2.33
C ALA A 40 -16.11 -3.54 1.77
N LEU A 41 -16.98 -3.06 2.64
CA LEU A 41 -18.29 -2.56 2.25
C LEU A 41 -18.27 -1.03 2.27
N ARG A 42 -19.06 -0.45 1.36
CA ARG A 42 -19.21 0.99 1.24
C ARG A 42 -20.68 1.32 1.20
N GLY A 43 -21.05 2.47 1.79
CA GLY A 43 -22.45 2.89 1.69
C GLY A 43 -22.82 3.84 2.83
N ASP A 44 -24.09 3.75 3.23
CA ASP A 44 -24.62 4.65 4.24
C ASP A 44 -24.33 4.08 5.63
N PHE A 45 -23.12 4.36 6.10
CA PHE A 45 -22.71 3.99 7.45
C PHE A 45 -22.39 5.25 8.25
N THR A 46 -23.01 6.35 7.86
CA THR A 46 -22.73 7.63 8.48
C THR A 46 -23.08 7.61 9.96
N ASP A 47 -24.29 7.15 10.31
CA ASP A 47 -24.70 7.15 11.71
C ASP A 47 -23.80 6.25 12.54
N ALA A 48 -23.32 5.16 11.96
CA ALA A 48 -22.42 4.26 12.68
C ALA A 48 -21.15 4.98 13.14
N HIS A 49 -20.70 5.99 12.37
CA HIS A 49 -19.52 6.77 12.74
C HIS A 49 -19.89 7.96 13.63
N VAL A 50 -20.93 8.70 13.26
CA VAL A 50 -21.19 9.99 13.89
C VAL A 50 -21.90 9.83 15.24
N THR A 51 -22.91 8.96 15.33
CA THR A 51 -23.64 8.75 16.57
C THR A 51 -23.43 7.39 17.20
N GLY A 52 -22.90 6.41 16.48
CA GLY A 52 -22.67 5.10 17.05
C GLY A 52 -23.83 4.14 16.97
N ASP A 53 -24.88 4.48 16.22
CA ASP A 53 -25.97 3.55 15.91
C ASP A 53 -25.49 2.58 14.84
N GLN A 54 -25.35 1.30 15.21
CA GLN A 54 -24.81 0.29 14.30
C GLN A 54 -25.88 -0.46 13.50
N SER A 55 -27.10 0.08 13.42
CA SER A 55 -28.21 -0.63 12.79
C SER A 55 -27.89 -1.07 11.37
N HIS A 56 -27.21 -0.21 10.58
CA HIS A 56 -26.87 -0.54 9.20
C HIS A 56 -25.69 -1.49 9.06
N VAL A 57 -24.93 -1.70 10.13
CA VAL A 57 -23.60 -2.31 10.04
C VAL A 57 -23.70 -3.82 10.14
N LEU A 58 -23.29 -4.52 9.10
CA LEU A 58 -23.11 -5.97 9.19
C LEU A 58 -21.73 -6.25 9.75
N PRO A 59 -21.61 -6.97 10.87
CA PRO A 59 -20.32 -7.12 11.55
C PRO A 59 -19.26 -7.71 10.61
N THR A 60 -18.02 -7.26 10.78
CA THR A 60 -16.93 -7.89 10.02
C THR A 60 -16.84 -9.37 10.34
N ASP A 61 -17.15 -9.74 11.58
CA ASP A 61 -17.20 -11.16 11.95
C ASP A 61 -18.12 -11.96 11.02
N THR A 62 -19.25 -11.36 10.64
CA THR A 62 -20.19 -12.03 9.73
C THR A 62 -19.62 -12.07 8.32
N GLN A 63 -18.94 -11.01 7.89
CA GLN A 63 -18.30 -11.04 6.57
C GLN A 63 -17.27 -12.16 6.50
N LYS A 64 -16.55 -12.41 7.59
CA LYS A 64 -15.66 -13.57 7.64
C LYS A 64 -16.45 -14.87 7.56
N ASN A 65 -17.48 -15.04 8.40
CA ASN A 65 -18.32 -16.24 8.32
C ASN A 65 -18.81 -16.47 6.89
N THR A 66 -19.16 -15.39 6.20
CA THR A 66 -19.71 -15.52 4.86
C THR A 66 -18.68 -16.04 3.86
N VAL A 67 -17.40 -15.65 4.02
CA VAL A 67 -16.33 -16.19 3.18
C VAL A 67 -16.30 -17.71 3.29
N TYR A 68 -16.30 -18.22 4.52
CA TYR A 68 -16.19 -19.66 4.72
C TYR A 68 -17.46 -20.37 4.26
N ALA A 69 -18.63 -19.81 4.58
CA ALA A 69 -19.90 -20.40 4.18
C ALA A 69 -19.98 -20.56 2.67
N LEU A 70 -19.69 -19.49 1.92
CA LEU A 70 -19.80 -19.53 0.47
C LEU A 70 -18.70 -20.37 -0.16
N ALA A 71 -17.56 -20.51 0.52
CA ALA A 71 -16.53 -21.44 0.05
C ALA A 71 -17.08 -22.86 -0.09
N LYS A 72 -17.98 -23.25 0.81
CA LYS A 72 -18.66 -24.54 0.68
C LYS A 72 -19.84 -24.43 -0.27
N LYS A 73 -20.72 -23.45 -0.03
CA LYS A 73 -22.01 -23.41 -0.71
C LYS A 73 -21.86 -23.11 -2.21
N GLU A 74 -20.94 -22.21 -2.57
CA GLU A 74 -20.73 -21.87 -3.96
C GLU A 74 -19.49 -22.52 -4.57
N GLY A 75 -18.54 -22.96 -3.74
CA GLY A 75 -17.29 -23.46 -4.24
C GLY A 75 -16.30 -22.34 -4.54
N ILE A 76 -15.07 -22.73 -4.81
CA ILE A 76 -13.99 -21.79 -5.16
C ILE A 76 -13.27 -22.37 -6.37
N ARG A 77 -13.59 -21.85 -7.55
CA ARG A 77 -12.78 -22.11 -8.72
C ARG A 77 -11.88 -20.90 -8.98
N ALA A 78 -12.13 -20.13 -10.03
CA ALA A 78 -11.32 -18.93 -10.24
C ALA A 78 -11.64 -17.88 -9.18
N ILE A 79 -10.60 -17.24 -8.62
CA ILE A 79 -10.81 -16.30 -7.53
C ILE A 79 -11.63 -15.10 -7.99
N GLU A 80 -11.57 -14.75 -9.28
CA GLU A 80 -12.43 -13.67 -9.76
C GLU A 80 -13.92 -14.00 -9.60
N ASP A 81 -14.31 -15.23 -9.94
CA ASP A 81 -15.72 -15.61 -9.77
C ASP A 81 -16.12 -15.63 -8.30
N PHE A 82 -15.22 -16.11 -7.43
CA PHE A 82 -15.52 -16.17 -6.00
C PHE A 82 -15.67 -14.76 -5.44
N ALA A 83 -14.81 -13.84 -5.87
CA ALA A 83 -14.91 -12.45 -5.43
C ALA A 83 -16.20 -11.80 -5.94
N LEU A 84 -16.58 -12.07 -7.19
CA LEU A 84 -17.84 -11.53 -7.73
C LEU A 84 -19.03 -12.04 -6.93
N THR A 85 -19.02 -13.33 -6.58
CA THR A 85 -20.12 -13.90 -5.80
C THR A 85 -20.21 -13.27 -4.42
N LEU A 86 -19.06 -13.07 -3.76
CA LEU A 86 -19.06 -12.42 -2.45
C LEU A 86 -19.60 -10.99 -2.55
N GLY A 87 -19.17 -10.24 -3.56
CA GLY A 87 -19.63 -8.86 -3.70
C GLY A 87 -21.14 -8.78 -3.83
N ASP A 88 -21.71 -9.56 -4.76
CA ASP A 88 -23.16 -9.56 -4.93
C ASP A 88 -23.87 -10.04 -3.66
N HIS A 89 -23.27 -11.00 -2.96
CA HIS A 89 -23.91 -11.52 -1.74
C HIS A 89 -24.06 -10.42 -0.69
N PHE A 90 -22.99 -9.67 -0.43
CA PHE A 90 -23.04 -8.65 0.62
C PHE A 90 -24.03 -7.55 0.26
N LEU A 91 -24.13 -7.20 -1.02
CA LEU A 91 -25.14 -6.23 -1.41
C LEU A 91 -26.55 -6.73 -1.11
N ARG A 92 -26.80 -8.04 -1.24
CA ARG A 92 -28.12 -8.57 -0.91
C ARG A 92 -28.37 -8.63 0.59
N GLN A 93 -27.33 -8.78 1.40
CA GLN A 93 -27.49 -8.85 2.86
C GLN A 93 -27.49 -7.48 3.53
N VAL A 94 -26.91 -6.46 2.91
CA VAL A 94 -26.67 -5.22 3.63
C VAL A 94 -27.36 -4.07 2.89
N PRO A 95 -28.62 -3.75 3.19
CA PRO A 95 -29.34 -2.77 2.35
C PRO A 95 -28.69 -1.40 2.33
N ALA A 96 -27.99 -1.01 3.40
CA ALA A 96 -27.30 0.28 3.42
C ALA A 96 -26.06 0.29 2.53
N ALA A 97 -25.57 -0.86 2.10
CA ALA A 97 -24.36 -0.90 1.30
C ALA A 97 -24.65 -0.46 -0.14
N THR A 98 -23.78 0.39 -0.68
CA THR A 98 -23.85 0.77 -2.08
C THR A 98 -22.85 0.02 -2.95
N GLY A 99 -21.78 -0.50 -2.36
CA GLY A 99 -20.78 -1.24 -3.11
C GLY A 99 -19.99 -2.12 -2.18
N ALA A 100 -19.25 -3.05 -2.78
CA ALA A 100 -18.36 -3.94 -2.04
C ALA A 100 -17.08 -4.14 -2.82
N ARG A 101 -15.95 -4.14 -2.12
CA ARG A 101 -14.67 -4.41 -2.74
C ARG A 101 -14.12 -5.66 -2.10
N ILE A 102 -13.86 -6.67 -2.92
CA ILE A 102 -13.34 -7.96 -2.48
C ILE A 102 -12.00 -8.15 -3.16
N ALA A 103 -10.94 -8.22 -2.37
CA ALA A 103 -9.60 -8.52 -2.86
C ALA A 103 -9.21 -9.91 -2.38
N ILE A 104 -8.58 -10.67 -3.27
CA ILE A 104 -8.17 -12.03 -2.95
C ILE A 104 -6.76 -12.26 -3.47
N GLU A 105 -5.94 -12.93 -2.69
CA GLU A 105 -4.71 -13.45 -3.23
C GLU A 105 -4.67 -14.96 -3.02
N GLU A 106 -4.08 -15.65 -4.00
CA GLU A 106 -4.00 -17.10 -4.03
C GLU A 106 -2.56 -17.55 -3.98
N TYR A 107 -2.26 -18.49 -3.09
CA TYR A 107 -0.95 -19.12 -2.99
C TYR A 107 -0.98 -20.48 -3.71
N ALA A 108 -0.14 -20.64 -4.73
CA ALA A 108 -0.20 -21.85 -5.54
C ALA A 108 0.57 -22.99 -4.88
N TRP A 109 0.02 -24.20 -5.02
CA TRP A 109 0.62 -25.44 -4.54
C TRP A 109 0.83 -26.41 -5.70
N ASP A 110 1.97 -27.08 -5.73
CA ASP A 110 2.19 -28.20 -6.62
C ASP A 110 2.02 -29.51 -5.85
N ARG A 111 1.80 -30.59 -6.59
CA ARG A 111 1.84 -31.93 -6.00
C ARG A 111 3.28 -32.34 -5.76
N ILE A 112 3.52 -32.96 -4.60
CA ILE A 112 4.82 -33.57 -4.31
C ILE A 112 5.07 -34.70 -5.30
N ASP A 113 6.26 -34.72 -5.90
CA ASP A 113 6.59 -35.76 -6.87
C ASP A 113 6.89 -37.08 -6.15
N VAL A 114 6.12 -38.12 -6.46
CA VAL A 114 6.33 -39.45 -5.89
C VAL A 114 6.46 -40.43 -7.06
N ASP A 115 7.64 -41.01 -7.20
CA ASP A 115 7.93 -41.98 -8.27
C ASP A 115 7.56 -41.42 -9.64
N GLY A 116 7.84 -40.13 -9.85
CA GLY A 116 7.65 -39.51 -11.13
C GLY A 116 6.27 -38.96 -11.42
N THR A 117 5.30 -39.13 -10.52
CA THR A 117 3.96 -38.56 -10.69
C THR A 117 3.57 -37.80 -9.43
N GLY A 118 2.67 -36.83 -9.59
CA GLY A 118 2.21 -36.04 -8.47
C GLY A 118 1.32 -36.86 -7.53
N HIS A 119 1.57 -36.73 -6.23
CA HIS A 119 0.82 -37.45 -5.21
C HIS A 119 -0.63 -36.97 -5.15
N ASP A 120 -1.53 -37.89 -4.78
CA ASP A 120 -2.96 -37.58 -4.75
C ASP A 120 -3.30 -36.51 -3.71
N HIS A 121 -2.62 -36.52 -2.55
CA HIS A 121 -3.01 -35.57 -1.52
C HIS A 121 -1.82 -34.97 -0.76
N GLY A 122 -0.62 -35.02 -1.34
CA GLY A 122 0.53 -34.35 -0.75
C GLY A 122 1.07 -33.26 -1.65
N PHE A 123 1.29 -32.07 -1.07
CA PHE A 123 1.55 -30.85 -1.83
C PHE A 123 2.74 -30.09 -1.23
N VAL A 124 3.35 -29.26 -2.08
CA VAL A 124 4.42 -28.35 -1.72
C VAL A 124 4.13 -26.98 -2.36
N ARG A 125 4.41 -25.90 -1.64
CA ARG A 125 4.12 -24.56 -2.16
C ARG A 125 4.95 -24.26 -3.40
N ARG A 126 4.35 -23.63 -4.40
CA ARG A 126 5.06 -23.36 -5.66
C ARG A 126 6.06 -22.21 -5.50
N GLY A 127 5.68 -21.15 -4.79
CA GLY A 127 6.61 -20.13 -4.35
C GLY A 127 7.14 -19.17 -5.41
N GLN A 128 6.35 -18.87 -6.45
CA GLN A 128 6.80 -18.03 -7.56
C GLN A 128 5.80 -16.93 -7.84
N GLY A 129 5.50 -16.13 -6.84
CA GLY A 129 4.57 -15.04 -7.03
C GLY A 129 3.17 -15.40 -6.59
N THR A 130 2.38 -14.36 -6.35
CA THR A 130 1.01 -14.50 -5.89
C THR A 130 0.07 -14.03 -7.00
N ARG A 131 -0.90 -14.87 -7.34
CA ARG A 131 -2.02 -14.44 -8.17
C ARG A 131 -3.01 -13.63 -7.34
N THR A 132 -3.43 -12.47 -7.85
CA THR A 132 -4.33 -11.58 -7.10
C THR A 132 -5.55 -11.21 -7.91
N THR A 133 -6.59 -10.76 -7.20
CA THR A 133 -7.73 -10.14 -7.86
C THR A 133 -8.30 -9.09 -6.93
N VAL A 134 -8.89 -8.06 -7.53
CA VAL A 134 -9.60 -7.00 -6.80
C VAL A 134 -10.91 -6.78 -7.56
N VAL A 135 -12.02 -7.16 -6.95
CA VAL A 135 -13.33 -7.09 -7.59
C VAL A 135 -14.17 -6.05 -6.86
N THR A 136 -14.76 -5.14 -7.62
CA THR A 136 -15.63 -4.10 -7.08
C THR A 136 -17.00 -4.30 -7.70
N VAL A 137 -18.04 -4.31 -6.85
CA VAL A 137 -19.42 -4.42 -7.31
C VAL A 137 -20.22 -3.27 -6.72
N GLU A 138 -20.94 -2.54 -7.57
CA GLU A 138 -21.72 -1.39 -7.15
C GLU A 138 -23.13 -1.51 -7.69
N GLY A 139 -24.11 -1.24 -6.84
CA GLY A 139 -25.49 -1.22 -7.27
C GLY A 139 -26.12 -2.60 -7.28
N ARG A 140 -27.40 -2.61 -7.65
CA ARG A 140 -28.23 -3.80 -7.63
C ARG A 140 -29.10 -3.83 -8.88
N GLY A 141 -29.47 -5.05 -9.29
CA GLY A 141 -30.36 -5.18 -10.43
C GLY A 141 -29.79 -4.56 -11.68
N ASP A 142 -30.61 -3.74 -12.34
CA ASP A 142 -30.26 -3.13 -13.61
C ASP A 142 -29.21 -2.03 -13.48
N GLU A 143 -29.00 -1.49 -12.28
CA GLU A 143 -27.98 -0.48 -12.04
C GLU A 143 -26.68 -1.07 -11.52
N ARG A 144 -26.63 -2.39 -11.28
CA ARG A 144 -25.41 -3.04 -10.83
C ARG A 144 -24.30 -2.92 -11.87
N ARG A 145 -23.14 -2.47 -11.42
CA ARG A 145 -21.93 -2.49 -12.22
C ARG A 145 -20.82 -3.21 -11.46
N ALA A 146 -19.93 -3.88 -12.19
CA ALA A 146 -18.83 -4.62 -11.60
C ALA A 146 -17.57 -4.40 -12.42
N TRP A 147 -16.43 -4.49 -11.75
CA TRP A 147 -15.11 -4.31 -12.34
C TRP A 147 -14.17 -5.35 -11.75
N VAL A 148 -13.33 -5.94 -12.60
CA VAL A 148 -12.40 -6.98 -12.18
C VAL A 148 -10.99 -6.55 -12.48
N LEU A 149 -10.16 -6.49 -11.45
CA LEU A 149 -8.71 -6.39 -11.59
C LEU A 149 -8.11 -7.74 -11.27
N SER A 150 -7.13 -8.16 -12.05
CA SER A 150 -6.31 -9.30 -11.68
C SER A 150 -4.85 -8.87 -11.71
N GLY A 151 -4.00 -9.70 -11.12
CA GLY A 151 -2.62 -9.28 -10.99
C GLY A 151 -1.71 -10.37 -10.50
N ILE A 152 -0.43 -10.02 -10.45
CA ILE A 152 0.65 -10.85 -9.94
C ILE A 152 1.47 -10.00 -8.98
N SER A 153 1.91 -10.60 -7.87
CA SER A 153 2.76 -9.90 -6.92
C SER A 153 3.91 -10.79 -6.50
N ASP A 154 5.04 -10.15 -6.18
CA ASP A 154 6.22 -10.82 -5.67
C ASP A 154 6.74 -11.88 -6.65
N LEU A 155 6.71 -11.55 -7.94
CA LEU A 155 7.28 -12.40 -8.99
C LEU A 155 8.75 -11.99 -9.14
N ILE A 156 9.64 -12.76 -8.54
CA ILE A 156 11.06 -12.38 -8.44
C ILE A 156 11.81 -12.92 -9.64
N ILE A 157 12.36 -12.01 -10.46
CA ILE A 157 13.00 -12.33 -11.73
C ILE A 157 14.25 -11.48 -11.91
N ALA A 158 15.14 -11.95 -12.80
CA ALA A 158 16.44 -11.32 -13.05
C ALA A 158 16.98 -11.70 -14.43
N LYS A 159 17.63 -10.73 -15.07
CA LYS A 159 18.46 -10.93 -16.25
C LYS A 159 19.90 -10.66 -15.89
N THR A 160 20.82 -11.52 -16.31
CA THR A 160 22.25 -11.27 -16.04
C THR A 160 22.98 -10.58 -17.19
N THR A 161 22.34 -10.38 -18.34
CA THR A 161 22.86 -9.53 -19.39
C THR A 161 21.66 -9.11 -20.24
N GLY A 162 21.92 -8.43 -21.36
CA GLY A 162 20.82 -7.85 -22.11
C GLY A 162 20.15 -6.71 -21.40
N SER A 163 20.91 -5.91 -20.66
CA SER A 163 20.38 -4.77 -19.92
C SER A 163 21.41 -3.64 -19.96
N GLU A 164 20.99 -2.50 -20.45
CA GLU A 164 21.83 -1.32 -20.59
C GLU A 164 21.19 -0.15 -19.86
N PHE A 165 21.99 0.90 -19.64
CA PHE A 165 21.49 2.17 -19.12
C PHE A 165 22.56 3.22 -19.39
N HIS A 166 22.35 4.04 -20.42
CA HIS A 166 23.29 5.07 -20.79
C HIS A 166 22.54 6.22 -21.45
N GLY A 167 23.25 7.32 -21.69
CA GLY A 167 22.64 8.47 -22.33
C GLY A 167 21.65 9.20 -21.49
N PHE A 168 21.64 8.96 -20.17
CA PHE A 168 20.73 9.62 -19.25
C PHE A 168 21.18 11.05 -18.97
N LEU A 169 20.31 11.79 -18.29
CA LEU A 169 20.63 13.18 -17.92
C LEU A 169 21.70 13.21 -16.83
N LYS A 170 22.76 13.98 -17.06
CA LYS A 170 23.87 14.09 -16.12
C LYS A 170 23.85 15.48 -15.50
N ASP A 171 23.68 15.56 -14.20
CA ASP A 171 23.71 16.84 -13.50
C ASP A 171 24.88 16.84 -12.52
N GLU A 172 24.98 17.91 -11.73
CA GLU A 172 26.12 18.07 -10.84
C GLU A 172 26.14 17.02 -9.71
N TYR A 173 25.03 16.33 -9.44
CA TYR A 173 25.01 15.31 -8.41
C TYR A 173 25.09 13.89 -8.97
N THR A 174 25.34 13.74 -10.27
CA THR A 174 25.36 12.44 -10.91
C THR A 174 26.76 11.84 -10.82
N THR A 175 26.86 10.63 -10.26
CA THR A 175 28.10 9.87 -10.25
C THR A 175 27.99 8.55 -11.00
N LEU A 176 26.81 8.22 -11.53
CA LEU A 176 26.58 6.91 -12.12
C LEU A 176 27.30 6.79 -13.47
N GLU A 177 28.13 5.78 -13.62
CA GLU A 177 28.73 5.50 -14.92
C GLU A 177 27.71 4.88 -15.88
N GLU A 178 27.74 5.32 -17.13
CA GLU A 178 26.93 4.67 -18.15
C GLU A 178 27.37 3.22 -18.33
N THR A 179 26.43 2.37 -18.71
CA THR A 179 26.83 0.98 -18.91
C THR A 179 26.08 0.37 -20.08
N HIS A 180 26.76 -0.54 -20.76
CA HIS A 180 26.13 -1.34 -21.80
C HIS A 180 25.89 -2.78 -21.34
N ASP A 181 26.15 -3.10 -20.07
CA ASP A 181 25.95 -4.47 -19.59
C ASP A 181 25.86 -4.44 -18.06
N ARG A 182 24.69 -4.81 -17.53
CA ARG A 182 24.46 -4.86 -16.11
C ARG A 182 23.43 -5.95 -15.84
N ILE A 183 23.27 -6.27 -14.57
CA ILE A 183 22.18 -7.13 -14.14
C ILE A 183 20.93 -6.27 -13.96
N LEU A 184 19.79 -6.82 -14.34
CA LEU A 184 18.48 -6.21 -14.11
C LEU A 184 17.64 -7.20 -13.31
N ALA A 185 17.41 -6.92 -12.04
CA ALA A 185 16.67 -7.82 -11.17
C ALA A 185 15.54 -7.06 -10.50
N THR A 186 14.38 -7.70 -10.36
CA THR A 186 13.20 -7.05 -9.83
C THR A 186 12.29 -8.05 -9.14
N SER A 187 11.27 -7.51 -8.46
CA SER A 187 10.21 -8.31 -7.88
C SER A 187 8.94 -7.61 -8.35
N LEU A 188 8.33 -8.18 -9.38
CA LEU A 188 7.30 -7.52 -10.14
C LEU A 188 5.97 -7.53 -9.39
N HIS A 189 5.35 -6.36 -9.27
CA HIS A 189 3.97 -6.24 -8.83
C HIS A 189 3.19 -5.63 -9.98
N THR A 190 2.11 -6.30 -10.39
CA THR A 190 1.33 -5.80 -11.51
C THR A 190 -0.14 -6.12 -11.28
N ARG A 191 -0.99 -5.23 -11.78
CA ARG A 191 -2.44 -5.41 -11.82
C ARG A 191 -2.95 -4.90 -13.15
N TRP A 192 -3.90 -5.62 -13.73
CA TRP A 192 -4.50 -5.21 -14.99
C TRP A 192 -6.03 -5.25 -14.88
N ARG A 193 -6.69 -4.41 -15.67
CA ARG A 193 -8.14 -4.26 -15.59
C ARG A 193 -8.82 -4.84 -16.83
N TYR A 194 -9.86 -5.65 -16.61
CA TYR A 194 -10.60 -6.27 -17.70
C TYR A 194 -11.74 -5.36 -18.15
N LEU A 195 -12.01 -5.37 -19.46
CA LEU A 195 -13.06 -4.51 -20.00
C LEU A 195 -14.44 -4.93 -19.49
N THR A 196 -14.67 -6.24 -19.38
CA THR A 196 -15.95 -6.78 -18.91
C THR A 196 -15.66 -7.95 -17.98
N THR A 197 -16.72 -8.58 -17.46
CA THR A 197 -16.57 -9.77 -16.63
C THR A 197 -16.78 -11.06 -17.40
N ASP A 198 -16.92 -11.00 -18.72
CA ASP A 198 -17.08 -12.23 -19.52
C ASP A 198 -15.71 -12.70 -20.01
N VAL A 199 -14.95 -13.30 -19.10
CA VAL A 199 -13.55 -13.65 -19.32
C VAL A 199 -13.27 -15.04 -18.80
N ASP A 200 -12.50 -15.82 -19.54
CA ASP A 200 -11.94 -17.09 -19.02
C ASP A 200 -10.75 -16.74 -18.13
N TRP A 201 -11.02 -16.59 -16.83
CA TRP A 201 -10.04 -16.00 -15.92
C TRP A 201 -8.74 -16.78 -15.91
N ASP A 202 -8.82 -18.11 -15.83
CA ASP A 202 -7.61 -18.92 -15.67
C ASP A 202 -6.77 -18.90 -16.94
N LYS A 203 -7.42 -18.94 -18.10
CA LYS A 203 -6.71 -18.94 -19.37
C LYS A 203 -5.99 -17.62 -19.60
N THR A 204 -6.67 -16.50 -19.32
CA THR A 204 -6.03 -15.21 -19.53
C THR A 204 -4.87 -15.00 -18.56
N PHE A 205 -5.03 -15.43 -17.30
CA PHE A 205 -3.98 -15.24 -16.32
C PHE A 205 -2.71 -15.98 -16.75
N ALA A 206 -2.85 -17.25 -17.14
CA ALA A 206 -1.68 -18.01 -17.54
C ALA A 206 -0.99 -17.37 -18.73
N SER A 207 -1.77 -16.84 -19.68
CA SER A 207 -1.15 -16.23 -20.85
C SER A 207 -0.46 -14.92 -20.50
N VAL A 208 -1.11 -14.07 -19.69
CA VAL A 208 -0.50 -12.80 -19.28
C VAL A 208 0.82 -13.06 -18.55
N ARG A 209 0.79 -13.97 -17.58
CA ARG A 209 1.99 -14.30 -16.81
C ARG A 209 3.12 -14.75 -17.73
N SER A 210 2.79 -15.62 -18.70
CA SER A 210 3.79 -16.10 -19.64
C SER A 210 4.31 -14.97 -20.52
N ILE A 211 3.43 -14.03 -20.90
CA ILE A 211 3.88 -12.94 -21.74
C ILE A 211 4.83 -12.03 -20.97
N LEU A 212 4.48 -11.70 -19.72
CA LEU A 212 5.34 -10.82 -18.92
C LEU A 212 6.72 -11.44 -18.73
N LEU A 213 6.78 -12.72 -18.37
CA LEU A 213 8.06 -13.39 -18.19
C LEU A 213 8.85 -13.43 -19.49
N ARG A 214 8.19 -13.79 -20.61
CA ARG A 214 8.92 -13.90 -21.87
C ARG A 214 9.48 -12.55 -22.30
N GLN A 215 8.66 -11.50 -22.24
CA GLN A 215 9.12 -10.19 -22.67
C GLN A 215 10.28 -9.71 -21.80
N PHE A 216 10.19 -9.92 -20.47
CA PHE A 216 11.29 -9.55 -19.58
C PHE A 216 12.60 -10.19 -20.03
N ALA A 217 12.57 -11.49 -20.34
CA ALA A 217 13.77 -12.22 -20.69
C ALA A 217 14.31 -11.82 -22.06
N THR A 218 13.43 -11.61 -23.04
CA THR A 218 13.89 -11.55 -24.43
C THR A 218 14.10 -10.14 -24.95
N VAL A 219 13.41 -9.14 -24.39
CA VAL A 219 13.61 -7.75 -24.82
C VAL A 219 14.96 -7.27 -24.33
N HIS A 220 15.80 -6.77 -25.24
CA HIS A 220 17.03 -6.10 -24.85
C HIS A 220 16.70 -4.76 -24.17
N SER A 221 17.10 -4.62 -22.90
CA SER A 221 16.61 -3.53 -22.07
C SER A 221 17.55 -2.32 -22.13
N LEU A 222 17.01 -1.16 -22.49
CA LEU A 222 17.74 0.10 -22.41
C LEU A 222 17.44 0.86 -21.13
N ALA A 223 16.50 0.35 -20.33
CA ALA A 223 16.15 0.88 -19.02
C ALA A 223 15.02 0.04 -18.45
N LEU A 224 14.86 0.01 -17.13
CA LEU A 224 13.71 -0.70 -16.58
C LEU A 224 12.40 -0.09 -17.09
N GLN A 225 12.36 1.24 -17.27
CA GLN A 225 11.20 1.91 -17.86
C GLN A 225 10.81 1.26 -19.18
N GLN A 226 11.80 1.05 -20.07
CA GLN A 226 11.52 0.53 -21.40
C GLN A 226 11.14 -0.94 -21.33
N THR A 227 11.73 -1.71 -20.40
CA THR A 227 11.30 -3.08 -20.19
C THR A 227 9.83 -3.15 -19.78
N LEU A 228 9.43 -2.33 -18.80
CA LEU A 228 8.06 -2.41 -18.30
C LEU A 228 7.07 -2.05 -19.39
N TYR A 229 7.40 -1.07 -20.23
CA TYR A 229 6.51 -0.73 -21.33
C TYR A 229 6.42 -1.86 -22.34
N ALA A 230 7.55 -2.50 -22.65
CA ALA A 230 7.51 -3.60 -23.60
C ALA A 230 6.69 -4.77 -23.04
N MET A 231 6.81 -5.04 -21.74
CA MET A 231 6.01 -6.09 -21.10
C MET A 231 4.52 -5.75 -21.13
N GLY A 232 4.15 -4.54 -20.71
CA GLY A 232 2.73 -4.21 -20.64
C GLY A 232 2.08 -4.08 -22.01
N SER A 233 2.82 -3.57 -22.99
CA SER A 233 2.22 -3.40 -24.30
C SER A 233 2.05 -4.75 -24.99
N ALA A 234 2.97 -5.68 -24.75
CA ALA A 234 2.80 -7.02 -25.28
C ALA A 234 1.55 -7.69 -24.72
N VAL A 235 1.21 -7.42 -23.46
CA VAL A 235 0.02 -8.02 -22.86
C VAL A 235 -1.24 -7.45 -23.50
N LEU A 236 -1.29 -6.13 -23.67
CA LEU A 236 -2.50 -5.54 -24.24
C LEU A 236 -2.69 -5.95 -25.69
N GLU A 237 -1.59 -6.07 -26.46
CA GLU A 237 -1.69 -6.49 -27.85
C GLU A 237 -2.22 -7.92 -27.94
N ALA A 238 -1.93 -8.78 -26.96
CA ALA A 238 -2.41 -10.14 -27.01
C ALA A 238 -3.78 -10.34 -26.39
N HIS A 239 -4.30 -9.33 -25.68
CA HIS A 239 -5.52 -9.48 -24.90
C HIS A 239 -6.41 -8.24 -25.08
N PRO A 240 -7.21 -8.19 -26.15
CA PRO A 240 -8.14 -7.07 -26.31
C PRO A 240 -9.11 -6.92 -25.16
N GLU A 241 -9.38 -7.98 -24.39
CA GLU A 241 -10.28 -7.85 -23.26
C GLU A 241 -9.68 -7.08 -22.09
N ILE A 242 -8.40 -6.73 -22.13
CA ILE A 242 -7.73 -6.01 -21.04
C ILE A 242 -7.63 -4.54 -21.42
N ALA A 243 -8.11 -3.66 -20.54
CA ALA A 243 -8.13 -2.23 -20.83
C ALA A 243 -6.82 -1.56 -20.49
N GLU A 244 -6.13 -2.03 -19.45
CA GLU A 244 -4.94 -1.33 -18.96
C GLU A 244 -4.20 -2.24 -17.99
N ILE A 245 -2.89 -2.04 -17.91
CA ILE A 245 -2.05 -2.78 -16.99
C ILE A 245 -1.11 -1.80 -16.31
N ARG A 246 -0.99 -1.90 -14.99
CA ARG A 246 -0.04 -1.11 -14.23
C ARG A 246 1.06 -2.03 -13.70
N LEU A 247 2.30 -1.61 -13.84
CA LEU A 247 3.45 -2.40 -13.42
C LEU A 247 4.29 -1.58 -12.45
N SER A 248 4.74 -2.24 -11.39
CA SER A 248 5.58 -1.59 -10.38
C SER A 248 6.76 -2.49 -10.10
N ALA A 249 7.96 -2.02 -10.42
CA ALA A 249 9.15 -2.87 -10.39
C ALA A 249 10.28 -2.15 -9.63
N PRO A 250 10.70 -2.70 -8.50
CA PRO A 250 11.98 -2.26 -7.91
C PRO A 250 13.15 -2.69 -8.77
N ASN A 251 14.15 -1.82 -8.82
CA ASN A 251 15.44 -2.15 -9.44
C ASN A 251 16.34 -2.55 -8.29
N LYS A 252 16.39 -3.85 -8.00
CA LYS A 252 17.17 -4.38 -6.90
C LYS A 252 18.63 -4.44 -7.34
N HIS A 253 19.40 -3.43 -6.98
CA HIS A 253 20.72 -3.24 -7.54
C HIS A 253 21.65 -4.38 -7.15
N HIS A 254 22.30 -4.97 -8.15
CA HIS A 254 23.37 -5.93 -7.94
C HIS A 254 24.63 -5.21 -8.41
N PHE A 255 25.46 -4.78 -7.45
CA PHE A 255 26.62 -3.93 -7.75
C PHE A 255 27.84 -4.78 -8.03
N LEU A 256 28.53 -4.48 -9.13
CA LEU A 256 29.77 -5.15 -9.50
C LEU A 256 30.85 -4.83 -8.48
N VAL A 257 31.25 -5.81 -7.69
CA VAL A 257 32.20 -5.54 -6.61
C VAL A 257 33.56 -5.19 -7.21
N ASP A 258 34.20 -4.17 -6.67
CA ASP A 258 35.56 -3.82 -7.09
C ASP A 258 36.54 -4.74 -6.38
N LEU A 259 37.17 -5.64 -7.14
CA LEU A 259 38.17 -6.56 -6.61
C LEU A 259 39.60 -6.13 -6.93
N GLN A 260 39.78 -5.01 -7.63
CA GLN A 260 41.14 -4.54 -7.87
C GLN A 260 41.94 -4.36 -6.59
N PRO A 261 41.36 -3.90 -5.45
CA PRO A 261 42.17 -3.84 -4.22
C PRO A 261 42.73 -5.18 -3.79
N PHE A 262 42.13 -6.28 -4.21
CA PHE A 262 42.59 -7.64 -3.91
C PHE A 262 43.38 -8.25 -5.06
N GLY A 263 43.75 -7.44 -6.05
CA GLY A 263 44.50 -7.92 -7.20
C GLY A 263 43.74 -8.86 -8.11
N LEU A 264 42.43 -8.63 -8.30
CA LEU A 264 41.60 -9.50 -9.10
C LEU A 264 40.76 -8.69 -10.09
N ASP A 265 40.50 -9.30 -11.26
CA ASP A 265 39.53 -8.74 -12.18
C ASP A 265 38.11 -9.20 -11.82
N ASN A 266 37.13 -8.42 -12.28
CA ASN A 266 35.72 -8.78 -12.11
C ASN A 266 34.96 -8.50 -13.40
N PRO A 267 35.04 -9.41 -14.40
CA PRO A 267 34.38 -9.16 -15.69
C PRO A 267 32.90 -9.54 -15.64
N GLY A 268 32.15 -8.83 -14.81
CA GLY A 268 30.72 -9.08 -14.68
C GLY A 268 30.38 -10.37 -13.97
N GLU A 269 31.15 -10.77 -12.97
CA GLU A 269 30.96 -12.07 -12.35
C GLU A 269 30.55 -12.02 -10.89
N VAL A 270 31.09 -11.12 -10.08
CA VAL A 270 30.84 -11.11 -8.63
C VAL A 270 30.09 -9.84 -8.25
N PHE A 271 28.89 -10.02 -7.69
CA PHE A 271 28.01 -8.90 -7.36
C PHE A 271 27.58 -8.91 -5.90
N TYR A 272 27.39 -7.69 -5.37
CA TYR A 272 26.77 -7.48 -4.07
C TYR A 272 25.29 -7.15 -4.29
N ALA A 273 24.40 -8.01 -3.80
CA ALA A 273 22.95 -7.81 -3.93
C ALA A 273 22.46 -6.92 -2.80
N SER A 274 22.23 -5.65 -3.11
CA SER A 274 21.86 -4.63 -2.12
C SER A 274 20.37 -4.70 -1.79
N ASP A 275 20.03 -4.49 -0.51
CA ASP A 275 18.63 -4.48 -0.08
C ASP A 275 17.98 -3.12 -0.33
N ARG A 276 18.53 -2.08 0.27
CA ARG A 276 17.99 -0.74 0.21
C ARG A 276 19.14 0.24 0.03
N PRO A 277 18.96 1.33 -0.70
CA PRO A 277 17.76 1.73 -1.46
C PRO A 277 17.63 0.94 -2.76
N TYR A 278 16.48 1.08 -3.42
CA TYR A 278 16.28 0.47 -4.72
C TYR A 278 15.54 1.47 -5.59
N GLY A 279 15.87 1.51 -6.88
CA GLY A 279 15.01 2.21 -7.82
C GLY A 279 13.60 1.65 -7.75
N LEU A 280 12.61 2.51 -7.99
CA LEU A 280 11.23 2.06 -8.07
C LEU A 280 10.66 2.70 -9.33
N ILE A 281 10.48 1.88 -10.36
CA ILE A 281 10.05 2.35 -11.68
C ILE A 281 8.65 1.83 -11.89
N GLU A 282 7.70 2.73 -12.16
CA GLU A 282 6.29 2.38 -12.14
C GLU A 282 5.62 2.97 -13.36
N ALA A 283 4.83 2.15 -14.05
CA ALA A 283 4.30 2.57 -15.33
C ALA A 283 2.99 1.86 -15.61
N SER A 284 2.14 2.53 -16.36
CA SER A 284 0.90 1.93 -16.83
C SER A 284 0.86 2.00 -18.34
N VAL A 285 0.36 0.93 -18.95
CA VAL A 285 0.09 0.89 -20.38
C VAL A 285 -1.42 0.73 -20.53
N VAL A 286 -2.01 1.51 -21.45
CA VAL A 286 -3.46 1.66 -21.49
C VAL A 286 -3.94 1.59 -22.94
N ARG A 287 -5.19 1.19 -23.10
CA ARG A 287 -5.87 1.33 -24.37
C ARG A 287 -6.36 2.78 -24.52
N ASP A 288 -5.90 3.45 -25.57
CA ASP A 288 -6.30 4.83 -25.81
C ASP A 288 -7.77 4.98 -26.19
N ASP A 289 -8.46 3.89 -26.54
CA ASP A 289 -9.79 3.95 -27.13
C ASP A 289 -10.91 3.51 -26.21
N VAL A 290 -10.63 3.22 -24.94
CA VAL A 290 -11.68 2.84 -23.98
C VAL A 290 -11.67 3.86 -22.85
N PRO A 291 -12.79 4.10 -22.17
CA PRO A 291 -12.78 5.04 -21.04
C PRO A 291 -12.01 4.49 -19.85
N GLU A 292 -11.46 5.42 -19.06
CA GLU A 292 -10.92 5.05 -17.75
C GLU A 292 -12.04 4.53 -16.85
N ALA A 293 -11.67 3.76 -15.82
CA ALA A 293 -12.63 3.20 -14.87
C ALA A 293 -12.12 3.38 -13.45
N PRO A 294 -12.15 4.61 -12.93
CA PRO A 294 -11.54 4.85 -11.61
C PRO A 294 -12.22 4.09 -10.50
N GLU A 295 -13.49 3.70 -10.66
CA GLU A 295 -14.14 2.93 -9.60
C GLU A 295 -13.43 1.61 -9.36
N ALA A 296 -12.88 1.02 -10.43
CA ALA A 296 -12.15 -0.23 -10.32
C ALA A 296 -10.95 -0.12 -9.37
N TRP A 297 -10.32 1.06 -9.31
CA TRP A 297 -9.04 1.23 -8.61
C TRP A 297 -9.16 1.91 -7.26
N LEU A 298 -10.37 2.29 -6.85
CA LEU A 298 -10.52 3.09 -5.64
C LEU A 298 -10.07 2.30 -4.41
N ALA A 299 -9.15 2.89 -3.64
CA ALA A 299 -8.56 2.29 -2.45
C ALA A 299 -7.71 1.07 -2.79
N THR A 300 -7.17 1.04 -4.03
CA THR A 300 -6.12 0.12 -4.45
C THR A 300 -4.83 0.90 -4.63
N PRO A 301 -3.71 0.54 -3.97
CA PRO A 301 -3.50 -0.64 -3.11
C PRO A 301 -4.11 -0.52 -1.72
N GLY A 302 -4.41 0.70 -1.26
CA GLY A 302 -5.00 0.88 0.05
C GLY A 302 -5.75 2.19 0.18
N PHE A 303 -6.42 2.33 1.32
CA PHE A 303 -7.31 3.48 1.57
C PHE A 303 -6.54 4.78 1.70
N CYS A 304 -5.37 4.74 2.34
CA CYS A 304 -4.64 5.95 2.68
C CYS A 304 -3.23 5.62 3.14
N ALA B 5 -4.19 0.90 -30.69
CA ALA B 5 -4.06 2.20 -30.04
C ALA B 5 -3.63 2.01 -28.59
N ILE B 6 -2.44 1.44 -28.42
CA ILE B 6 -1.87 1.14 -27.12
C ILE B 6 -0.81 2.18 -26.84
N VAL B 7 -0.91 2.87 -25.69
CA VAL B 7 -0.07 4.00 -25.38
C VAL B 7 0.40 3.92 -23.93
N LEU B 8 1.53 4.57 -23.66
CA LEU B 8 1.98 4.77 -22.30
C LEU B 8 1.01 5.69 -21.57
N GLY B 9 0.59 5.30 -20.37
CA GLY B 9 -0.26 6.11 -19.52
C GLY B 9 0.51 6.67 -18.35
N ARG B 10 -0.11 6.76 -17.18
CA ARG B 10 0.55 7.34 -16.01
C ARG B 10 1.82 6.57 -15.67
N ASN B 11 2.87 7.30 -15.27
CA ASN B 11 4.12 6.70 -14.85
C ASN B 11 4.83 7.63 -13.88
N GLN B 12 5.70 7.03 -13.07
CA GLN B 12 6.60 7.79 -12.19
C GLN B 12 7.77 6.87 -11.85
N TYR B 13 8.88 7.47 -11.43
CA TYR B 13 10.06 6.68 -11.10
C TYR B 13 10.93 7.49 -10.14
N GLY B 14 11.76 6.77 -9.39
CA GLY B 14 12.68 7.43 -8.47
C GLY B 14 13.37 6.40 -7.59
N LYS B 15 14.03 6.90 -6.56
CA LYS B 15 14.71 6.04 -5.60
C LYS B 15 13.83 5.81 -4.38
N ALA B 16 13.68 4.54 -3.98
CA ALA B 16 12.86 4.18 -2.83
C ALA B 16 13.72 3.76 -1.64
N GLU B 17 13.30 4.20 -0.45
CA GLU B 17 13.89 3.79 0.84
C GLU B 17 15.38 4.16 0.95
N VAL B 18 15.66 5.45 0.79
CA VAL B 18 16.99 5.99 1.07
C VAL B 18 17.08 6.25 2.58
N ARG B 19 17.89 5.47 3.28
CA ARG B 19 18.03 5.62 4.73
C ARG B 19 19.13 6.64 5.00
N VAL B 20 18.74 7.83 5.42
CA VAL B 20 19.69 8.87 5.75
C VAL B 20 19.60 9.14 7.25
N PHE B 21 20.76 9.20 7.89
CA PHE B 21 20.90 9.41 9.32
C PHE B 21 21.78 10.63 9.49
N ARG B 22 21.19 11.73 9.98
CA ARG B 22 21.80 13.03 10.06
C ARG B 22 22.07 13.38 11.51
N VAL B 23 23.31 13.76 11.81
CA VAL B 23 23.71 14.10 13.17
C VAL B 23 23.96 15.60 13.23
N TYR B 24 23.35 16.27 14.20
CA TYR B 24 23.66 17.66 14.51
C TYR B 24 24.63 17.67 15.69
N ARG B 25 25.82 18.23 15.49
CA ARG B 25 26.87 18.12 16.49
C ARG B 25 27.63 19.44 16.63
N ASP B 26 26.92 20.57 16.53
CA ASP B 26 27.57 21.86 16.76
C ASP B 26 28.05 21.98 18.20
N THR B 27 27.37 21.32 19.15
CA THR B 27 27.78 21.24 20.55
C THR B 27 27.97 19.77 20.92
N PRO B 28 28.54 19.47 22.08
CA PRO B 28 28.66 18.05 22.47
C PRO B 28 27.31 17.36 22.67
N ARG B 29 26.22 18.10 22.78
CA ARG B 29 24.88 17.51 22.90
C ARG B 29 24.36 17.29 21.49
N HIS B 30 24.55 16.07 20.98
CA HIS B 30 24.17 15.78 19.61
C HIS B 30 22.66 15.55 19.51
N GLU B 31 22.11 15.84 18.33
CA GLU B 31 20.74 15.46 18.00
C GLU B 31 20.76 14.65 16.71
N VAL B 32 19.76 13.78 16.54
CA VAL B 32 19.73 12.85 15.41
C VAL B 32 18.43 13.02 14.63
N ARG B 33 18.52 12.82 13.32
CA ARG B 33 17.37 12.72 12.43
C ARG B 33 17.53 11.42 11.64
N ASP B 34 16.62 10.47 11.87
CA ASP B 34 16.71 9.12 11.33
C ASP B 34 15.55 8.92 10.36
N LEU B 35 15.86 8.93 9.07
CA LEU B 35 14.86 9.06 8.01
C LEU B 35 14.92 7.90 7.01
N ASN B 36 13.76 7.61 6.43
CA ASN B 36 13.65 6.77 5.24
C ASN B 36 12.95 7.60 4.17
N VAL B 37 13.58 7.77 3.01
CA VAL B 37 13.14 8.73 2.01
C VAL B 37 12.83 8.02 0.69
N TRP B 38 11.68 8.36 0.09
CA TRP B 38 11.32 7.93 -1.26
C TRP B 38 11.23 9.16 -2.15
N THR B 39 11.83 9.10 -3.34
CA THR B 39 11.61 10.10 -4.37
C THR B 39 10.83 9.49 -5.55
N ALA B 40 10.00 10.30 -6.20
CA ALA B 40 9.29 9.85 -7.39
C ALA B 40 9.05 11.06 -8.28
N LEU B 41 9.56 11.01 -9.52
CA LEU B 41 9.38 12.09 -10.48
C LEU B 41 8.30 11.73 -11.51
N ARG B 42 7.56 12.74 -11.94
CA ARG B 42 6.57 12.59 -12.99
C ARG B 42 6.83 13.63 -14.07
N GLY B 43 6.55 13.26 -15.31
CA GLY B 43 6.71 14.24 -16.38
C GLY B 43 6.80 13.58 -17.74
N ASP B 44 7.51 14.25 -18.64
CA ASP B 44 7.65 13.76 -20.02
C ASP B 44 8.82 12.78 -20.09
N PHE B 45 8.53 11.54 -19.68
CA PHE B 45 9.47 10.42 -19.81
C PHE B 45 8.93 9.39 -20.78
N THR B 46 8.11 9.83 -21.74
CA THR B 46 7.48 8.89 -22.67
C THR B 46 8.54 8.18 -23.51
N ASP B 47 9.44 8.94 -24.15
CA ASP B 47 10.48 8.33 -24.98
C ASP B 47 11.29 7.31 -24.20
N ALA B 48 11.54 7.55 -22.90
CA ALA B 48 12.37 6.63 -22.13
C ALA B 48 11.71 5.27 -21.99
N HIS B 49 10.38 5.22 -22.03
CA HIS B 49 9.62 3.98 -22.01
C HIS B 49 9.45 3.39 -23.40
N VAL B 50 9.16 4.21 -24.40
CA VAL B 50 8.72 3.69 -25.71
C VAL B 50 9.89 3.33 -26.60
N THR B 51 10.86 4.23 -26.77
CA THR B 51 12.03 3.95 -27.61
C THR B 51 13.30 3.62 -26.82
N GLY B 52 13.34 3.89 -25.53
CA GLY B 52 14.55 3.64 -24.77
C GLY B 52 15.54 4.79 -24.71
N ASP B 53 15.16 5.97 -25.20
CA ASP B 53 16.00 7.18 -25.14
C ASP B 53 15.91 7.79 -23.74
N GLN B 54 17.01 7.73 -23.00
CA GLN B 54 17.04 8.15 -21.60
C GLN B 54 17.44 9.62 -21.40
N SER B 55 17.47 10.42 -22.48
CA SER B 55 17.96 11.80 -22.37
C SER B 55 17.23 12.59 -21.29
N HIS B 56 15.94 12.32 -21.07
CA HIS B 56 15.18 13.09 -20.09
C HIS B 56 15.37 12.62 -18.66
N VAL B 57 15.92 11.43 -18.47
CA VAL B 57 15.82 10.72 -17.20
C VAL B 57 17.01 11.10 -16.33
N LEU B 58 16.74 11.74 -15.20
CA LEU B 58 17.76 11.85 -14.17
C LEU B 58 17.83 10.53 -13.41
N PRO B 59 18.98 9.87 -13.35
CA PRO B 59 19.03 8.52 -12.77
C PRO B 59 18.58 8.50 -11.32
N THR B 60 17.90 7.40 -10.95
CA THR B 60 17.50 7.23 -9.55
C THR B 60 18.71 7.28 -8.62
N ASP B 61 19.88 6.82 -9.10
CA ASP B 61 21.11 6.91 -8.30
C ASP B 61 21.44 8.37 -7.97
N THR B 62 21.24 9.27 -8.93
CA THR B 62 21.45 10.69 -8.67
C THR B 62 20.46 11.21 -7.64
N GLN B 63 19.21 10.72 -7.71
CA GLN B 63 18.20 11.16 -6.76
C GLN B 63 18.58 10.73 -5.35
N LYS B 64 19.18 9.54 -5.23
CA LYS B 64 19.76 9.11 -3.95
C LYS B 64 20.87 10.06 -3.49
N ASN B 65 21.82 10.36 -4.39
CA ASN B 65 22.91 11.29 -4.06
C ASN B 65 22.36 12.62 -3.56
N THR B 66 21.29 13.11 -4.19
CA THR B 66 20.73 14.41 -3.84
C THR B 66 20.19 14.43 -2.41
N VAL B 67 19.60 13.32 -1.95
CA VAL B 67 19.12 13.24 -0.57
C VAL B 67 20.28 13.46 0.40
N TYR B 68 21.40 12.76 0.19
CA TYR B 68 22.53 12.89 1.09
C TYR B 68 23.15 14.27 0.99
N ALA B 69 23.28 14.80 -0.24
CA ALA B 69 23.90 16.11 -0.42
C ALA B 69 23.08 17.20 0.25
N LEU B 70 21.78 17.23 -0.01
CA LEU B 70 20.97 18.28 0.59
C LEU B 70 20.81 18.06 2.09
N ALA B 71 20.94 16.83 2.58
CA ALA B 71 20.94 16.65 4.04
C ALA B 71 22.05 17.45 4.71
N LYS B 72 23.17 17.66 4.01
CA LYS B 72 24.22 18.53 4.53
C LYS B 72 23.99 19.99 4.12
N LYS B 73 23.85 20.24 2.81
CA LYS B 73 23.72 21.59 2.28
C LYS B 73 22.57 22.35 2.92
N GLU B 74 21.38 21.72 3.01
CA GLU B 74 20.18 22.37 3.51
C GLU B 74 19.83 21.99 4.93
N GLY B 75 20.35 20.88 5.44
CA GLY B 75 19.97 20.38 6.75
C GLY B 75 18.63 19.65 6.73
N ILE B 76 18.35 18.98 7.84
CA ILE B 76 17.08 18.27 8.02
C ILE B 76 16.51 18.74 9.36
N ARG B 77 15.53 19.63 9.30
CA ARG B 77 14.77 19.92 10.52
C ARG B 77 13.46 19.16 10.42
N ALA B 78 12.34 19.86 10.20
CA ALA B 78 11.09 19.17 9.96
C ALA B 78 11.14 18.43 8.61
N ILE B 79 10.64 17.20 8.61
CA ILE B 79 10.71 16.41 7.39
C ILE B 79 9.87 17.03 6.29
N GLU B 80 8.83 17.79 6.65
CA GLU B 80 8.03 18.46 5.63
C GLU B 80 8.87 19.48 4.85
N ASP B 81 9.71 20.25 5.55
CA ASP B 81 10.54 21.23 4.86
C ASP B 81 11.60 20.54 4.00
N PHE B 82 12.21 19.47 4.51
CA PHE B 82 13.19 18.73 3.73
C PHE B 82 12.55 18.12 2.47
N ALA B 83 11.32 17.61 2.58
CA ALA B 83 10.66 17.04 1.42
C ALA B 83 10.27 18.14 0.43
N LEU B 84 9.85 19.29 0.93
CA LEU B 84 9.57 20.43 0.05
C LEU B 84 10.85 20.86 -0.69
N THR B 85 11.98 20.84 0.01
CA THR B 85 13.24 21.26 -0.60
C THR B 85 13.69 20.27 -1.67
N LEU B 86 13.52 18.98 -1.41
CA LEU B 86 13.86 17.98 -2.43
C LEU B 86 12.95 18.11 -3.64
N GLY B 87 11.65 18.33 -3.42
CA GLY B 87 10.73 18.46 -4.54
C GLY B 87 11.11 19.61 -5.46
N ASP B 88 11.37 20.79 -4.89
CA ASP B 88 11.74 21.93 -5.73
C ASP B 88 13.09 21.69 -6.41
N HIS B 89 14.03 21.05 -5.71
CA HIS B 89 15.35 20.82 -6.28
C HIS B 89 15.27 19.98 -7.54
N PHE B 90 14.56 18.85 -7.48
CA PHE B 90 14.46 17.99 -8.64
C PHE B 90 13.81 18.70 -9.82
N LEU B 91 12.81 19.54 -9.56
CA LEU B 91 12.21 20.30 -10.66
C LEU B 91 13.23 21.26 -11.30
N ARG B 92 14.17 21.79 -10.52
CA ARG B 92 15.25 22.60 -11.07
C ARG B 92 16.22 21.77 -11.92
N GLN B 93 16.42 20.50 -11.56
CA GLN B 93 17.45 19.67 -12.18
C GLN B 93 16.93 18.87 -13.38
N VAL B 94 15.63 18.66 -13.48
CA VAL B 94 15.05 17.75 -14.46
C VAL B 94 14.00 18.49 -15.28
N PRO B 95 14.38 19.13 -16.40
CA PRO B 95 13.40 19.94 -17.16
C PRO B 95 12.18 19.16 -17.64
N ALA B 96 12.33 17.87 -17.95
CA ALA B 96 11.18 17.10 -18.41
C ALA B 96 10.18 16.83 -17.30
N ALA B 97 10.61 16.89 -16.04
CA ALA B 97 9.72 16.58 -14.93
C ALA B 97 8.64 17.67 -14.80
N THR B 98 7.40 17.23 -14.65
CA THR B 98 6.33 18.17 -14.29
C THR B 98 6.03 18.18 -12.81
N GLY B 99 6.41 17.14 -12.08
CA GLY B 99 6.14 17.09 -10.65
C GLY B 99 6.99 16.07 -9.96
N ALA B 100 7.03 16.18 -8.62
CA ALA B 100 7.78 15.27 -7.76
C ALA B 100 6.95 14.94 -6.54
N ARG B 101 6.97 13.68 -6.13
CA ARG B 101 6.37 13.24 -4.89
C ARG B 101 7.50 12.76 -4.00
N ILE B 102 7.64 13.38 -2.82
CA ILE B 102 8.67 13.02 -1.87
C ILE B 102 7.99 12.54 -0.61
N ALA B 103 8.28 11.30 -0.21
CA ALA B 103 7.69 10.71 0.98
C ALA B 103 8.81 10.38 1.98
N ILE B 104 8.57 10.66 3.25
CA ILE B 104 9.58 10.43 4.28
C ILE B 104 8.92 9.79 5.49
N GLU B 105 9.60 8.81 6.07
CA GLU B 105 9.32 8.31 7.41
C GLU B 105 10.46 8.73 8.32
N GLU B 106 10.13 9.09 9.55
CA GLU B 106 11.12 9.42 10.57
C GLU B 106 10.94 8.47 11.74
N TYR B 107 12.07 7.93 12.23
CA TYR B 107 12.11 7.06 13.40
C TYR B 107 12.64 7.87 14.57
N ALA B 108 11.81 8.02 15.60
CA ALA B 108 12.16 8.87 16.74
C ALA B 108 13.15 8.17 17.67
N TRP B 109 14.12 8.91 18.17
CA TRP B 109 15.08 8.42 19.15
C TRP B 109 14.98 9.26 20.41
N ASP B 110 15.07 8.60 21.58
CA ASP B 110 15.24 9.28 22.84
C ASP B 110 16.69 9.20 23.31
N ARG B 111 17.09 10.16 24.12
CA ARG B 111 18.38 10.06 24.79
C ARG B 111 18.34 9.00 25.89
N ILE B 112 19.43 8.24 26.01
CA ILE B 112 19.55 7.26 27.09
C ILE B 112 19.67 7.99 28.43
N ASP B 113 18.95 7.48 29.43
CA ASP B 113 18.91 8.13 30.74
C ASP B 113 20.15 7.76 31.56
N VAL B 114 20.87 8.79 32.02
CA VAL B 114 22.04 8.62 32.87
C VAL B 114 21.86 9.59 34.03
N ASP B 115 21.63 9.05 35.23
CA ASP B 115 21.47 9.84 36.44
C ASP B 115 20.39 10.90 36.26
N GLY B 116 19.27 10.49 35.66
CA GLY B 116 18.11 11.35 35.52
C GLY B 116 18.20 12.41 34.43
N THR B 117 19.25 12.40 33.60
CA THR B 117 19.36 13.31 32.47
C THR B 117 19.70 12.54 31.21
N GLY B 118 19.17 13.00 30.08
CA GLY B 118 19.48 12.36 28.81
C GLY B 118 20.94 12.54 28.45
N HIS B 119 21.57 11.46 28.01
CA HIS B 119 22.98 11.49 27.62
C HIS B 119 23.18 12.37 26.38
N ASP B 120 24.40 12.94 26.29
CA ASP B 120 24.73 13.86 25.20
C ASP B 120 24.74 13.17 23.84
N HIS B 121 25.23 11.93 23.77
CA HIS B 121 25.34 11.31 22.45
C HIS B 121 24.98 9.83 22.46
N GLY B 122 24.14 9.41 23.40
CA GLY B 122 23.65 8.03 23.46
C GLY B 122 22.13 7.98 23.45
N PHE B 123 21.56 7.17 22.56
CA PHE B 123 20.15 7.23 22.23
C PHE B 123 19.57 5.82 22.18
N VAL B 124 18.25 5.75 22.37
CA VAL B 124 17.50 4.51 22.24
C VAL B 124 16.22 4.82 21.48
N ARG B 125 15.86 3.93 20.56
CA ARG B 125 14.69 4.15 19.71
C ARG B 125 13.43 4.32 20.57
N ARG B 126 12.63 5.33 20.21
CA ARG B 126 11.41 5.60 20.96
C ARG B 126 10.39 4.48 20.78
N GLY B 127 10.19 4.02 19.55
CA GLY B 127 9.42 2.80 19.31
C GLY B 127 7.91 2.93 19.33
N GLN B 128 7.35 4.13 19.19
CA GLN B 128 5.90 4.27 19.31
C GLN B 128 5.28 4.83 18.04
N GLY B 129 5.57 4.21 16.91
CA GLY B 129 4.94 4.71 15.71
C GLY B 129 5.87 5.60 14.90
N THR B 130 5.65 5.60 13.60
CA THR B 130 6.47 6.34 12.66
C THR B 130 5.77 7.65 12.32
N ARG B 131 6.51 8.74 12.39
CA ARG B 131 6.06 10.02 11.83
C ARG B 131 6.31 10.03 10.33
N THR B 132 5.30 10.42 9.53
CA THR B 132 5.38 10.37 8.08
C THR B 132 5.04 11.72 7.44
N THR B 133 5.49 11.88 6.22
CA THR B 133 5.07 12.99 5.38
C THR B 133 5.05 12.52 3.92
N VAL B 134 4.19 13.16 3.13
CA VAL B 134 4.09 12.93 1.70
C VAL B 134 3.95 14.32 1.08
N VAL B 135 4.98 14.78 0.37
CA VAL B 135 4.99 16.12 -0.19
C VAL B 135 4.99 16.00 -1.71
N THR B 136 4.08 16.74 -2.34
CA THR B 136 3.97 16.79 -3.79
C THR B 136 4.21 18.22 -4.23
N VAL B 137 5.10 18.40 -5.21
CA VAL B 137 5.34 19.69 -5.82
C VAL B 137 5.12 19.56 -7.31
N GLU B 138 4.33 20.46 -7.87
CA GLU B 138 4.02 20.45 -9.30
C GLU B 138 4.27 21.83 -9.86
N GLY B 139 4.95 21.89 -10.99
CA GLY B 139 5.16 23.13 -11.70
C GLY B 139 6.33 23.93 -11.15
N ARG B 140 6.53 25.11 -11.75
CA ARG B 140 7.70 25.94 -11.53
C ARG B 140 7.28 27.41 -11.60
N GLY B 141 7.90 28.23 -10.76
CA GLY B 141 7.60 29.66 -10.78
C GLY B 141 6.17 29.93 -10.36
N ASP B 142 5.50 30.80 -11.12
CA ASP B 142 4.15 31.21 -10.80
C ASP B 142 3.15 30.06 -10.89
N GLU B 143 3.46 29.04 -11.67
CA GLU B 143 2.55 27.91 -11.84
C GLU B 143 2.77 26.82 -10.80
N ARG B 144 3.74 27.02 -9.91
CA ARG B 144 4.07 26.01 -8.92
C ARG B 144 2.95 25.83 -7.90
N ARG B 145 2.61 24.59 -7.60
CA ARG B 145 1.74 24.28 -6.49
C ARG B 145 2.37 23.16 -5.68
N ALA B 146 2.08 23.15 -4.38
CA ALA B 146 2.60 22.11 -3.52
C ALA B 146 1.56 21.74 -2.48
N TRP B 147 1.63 20.48 -2.03
CA TRP B 147 0.70 19.95 -1.03
C TRP B 147 1.49 19.12 -0.04
N VAL B 148 1.13 19.20 1.24
CA VAL B 148 1.79 18.44 2.30
C VAL B 148 0.76 17.56 2.99
N LEU B 149 1.01 16.25 2.96
CA LEU B 149 0.39 15.29 3.87
C LEU B 149 1.38 14.95 4.97
N SER B 150 0.90 14.92 6.21
CA SER B 150 1.68 14.35 7.29
C SER B 150 0.86 13.23 7.93
N GLY B 151 1.53 12.39 8.70
CA GLY B 151 0.79 11.25 9.20
C GLY B 151 1.56 10.51 10.28
N ILE B 152 0.90 9.46 10.79
CA ILE B 152 1.48 8.56 11.76
C ILE B 152 1.13 7.14 11.35
N SER B 153 2.10 6.24 11.43
CA SER B 153 1.87 4.85 11.08
C SER B 153 2.36 3.98 12.23
N ASP B 154 1.71 2.82 12.37
CA ASP B 154 2.12 1.79 13.33
C ASP B 154 2.10 2.32 14.77
N LEU B 155 1.04 3.03 15.12
CA LEU B 155 0.85 3.52 16.47
C LEU B 155 -0.02 2.51 17.19
N ILE B 156 0.58 1.67 18.03
CA ILE B 156 -0.12 0.52 18.58
C ILE B 156 -0.77 0.91 19.90
N ILE B 157 -2.10 0.90 19.94
CA ILE B 157 -2.87 1.36 21.09
C ILE B 157 -3.99 0.39 21.41
N ALA B 158 -4.45 0.43 22.67
CA ALA B 158 -5.49 -0.47 23.13
C ALA B 158 -6.21 0.14 24.34
N LYS B 159 -7.51 -0.17 24.45
CA LYS B 159 -8.31 0.10 25.64
C LYS B 159 -8.83 -1.21 26.18
N THR B 160 -8.81 -1.38 27.50
CA THR B 160 -9.29 -2.63 28.06
C THR B 160 -10.73 -2.55 28.54
N THR B 161 -11.35 -1.37 28.48
CA THR B 161 -12.78 -1.25 28.63
C THR B 161 -13.23 0.05 27.95
N GLY B 162 -14.46 0.46 28.21
CA GLY B 162 -15.05 1.59 27.49
C GLY B 162 -15.17 1.35 26.00
N SER B 163 -15.49 0.11 25.62
CA SER B 163 -15.74 -0.23 24.24
C SER B 163 -16.89 -1.23 24.20
N GLU B 164 -17.85 -0.97 23.30
CA GLU B 164 -19.02 -1.81 23.12
C GLU B 164 -19.19 -2.05 21.63
N PHE B 165 -20.07 -3.00 21.30
CA PHE B 165 -20.51 -3.18 19.90
C PHE B 165 -21.81 -3.99 19.94
N HIS B 166 -22.94 -3.31 19.75
CA HIS B 166 -24.24 -3.96 19.85
C HIS B 166 -25.21 -3.29 18.89
N GLY B 167 -26.37 -3.92 18.71
CA GLY B 167 -27.40 -3.34 17.86
C GLY B 167 -27.04 -3.29 16.39
N PHE B 168 -26.11 -4.13 15.94
CA PHE B 168 -25.71 -4.22 14.54
C PHE B 168 -26.71 -5.05 13.73
N LEU B 169 -26.61 -4.95 12.41
CA LEU B 169 -27.42 -5.79 11.53
C LEU B 169 -27.09 -7.26 11.74
N LYS B 170 -28.12 -8.09 11.94
CA LYS B 170 -27.90 -9.53 12.10
C LYS B 170 -28.56 -10.28 10.97
N ASP B 171 -27.79 -11.09 10.27
CA ASP B 171 -28.31 -11.89 9.17
C ASP B 171 -28.08 -13.37 9.48
N GLU B 172 -28.42 -14.22 8.51
CA GLU B 172 -28.38 -15.66 8.74
C GLU B 172 -26.96 -16.20 8.96
N TYR B 173 -25.93 -15.42 8.62
CA TYR B 173 -24.54 -15.83 8.80
C TYR B 173 -23.89 -15.17 10.01
N THR B 174 -24.68 -14.47 10.83
CA THR B 174 -24.16 -13.75 11.97
C THR B 174 -24.21 -14.64 13.21
N THR B 175 -23.05 -14.81 13.85
CA THR B 175 -22.93 -15.47 15.13
C THR B 175 -22.32 -14.58 16.20
N LEU B 176 -21.86 -13.38 15.85
CA LEU B 176 -21.24 -12.49 16.83
C LEU B 176 -22.23 -12.10 17.93
N GLU B 177 -21.84 -12.31 19.19
CA GLU B 177 -22.66 -11.83 20.31
C GLU B 177 -22.52 -10.32 20.46
N GLU B 178 -23.64 -9.64 20.66
CA GLU B 178 -23.59 -8.24 21.09
C GLU B 178 -22.84 -8.13 22.40
N THR B 179 -22.10 -7.04 22.58
CA THR B 179 -21.37 -6.88 23.83
C THR B 179 -21.43 -5.43 24.29
N HIS B 180 -21.37 -5.26 25.61
CA HIS B 180 -21.26 -3.95 26.23
C HIS B 180 -19.89 -3.74 26.88
N ASP B 181 -18.95 -4.67 26.69
CA ASP B 181 -17.60 -4.50 27.24
C ASP B 181 -16.66 -5.46 26.54
N ARG B 182 -15.62 -4.91 25.91
CA ARG B 182 -14.66 -5.70 25.14
C ARG B 182 -13.35 -4.92 25.09
N ILE B 183 -12.31 -5.58 24.63
CA ILE B 183 -11.06 -4.88 24.37
C ILE B 183 -11.17 -4.25 23.00
N LEU B 184 -10.62 -3.04 22.85
CA LEU B 184 -10.48 -2.38 21.55
C LEU B 184 -9.00 -2.10 21.33
N ALA B 185 -8.35 -2.86 20.44
CA ALA B 185 -6.92 -2.74 20.19
C ALA B 185 -6.66 -2.55 18.70
N THR B 186 -5.76 -1.63 18.38
CA THR B 186 -5.54 -1.31 16.97
C THR B 186 -4.09 -0.86 16.79
N SER B 187 -3.72 -0.71 15.53
CA SER B 187 -2.44 -0.12 15.14
C SER B 187 -2.80 0.95 14.13
N LEU B 188 -2.75 2.19 14.58
CA LEU B 188 -3.34 3.29 13.83
C LEU B 188 -2.42 3.69 12.69
N HIS B 189 -3.00 3.81 11.49
CA HIS B 189 -2.37 4.43 10.33
C HIS B 189 -3.23 5.62 9.93
N THR B 190 -2.64 6.82 9.89
CA THR B 190 -3.38 8.02 9.59
C THR B 190 -2.53 8.99 8.78
N ARG B 191 -3.18 9.74 7.89
CA ARG B 191 -2.56 10.82 7.12
C ARG B 191 -3.54 11.98 7.05
N TRP B 192 -3.04 13.21 7.24
CA TRP B 192 -3.88 14.40 7.15
C TRP B 192 -3.26 15.40 6.20
N ARG B 193 -4.11 16.23 5.58
CA ARG B 193 -3.69 17.20 4.57
C ARG B 193 -3.77 18.62 5.11
N TYR B 194 -2.68 19.36 5.00
CA TYR B 194 -2.62 20.75 5.40
C TYR B 194 -3.18 21.67 4.31
N LEU B 195 -3.88 22.73 4.72
CA LEU B 195 -4.44 23.66 3.74
C LEU B 195 -3.35 24.43 3.00
N THR B 196 -2.25 24.77 3.68
CA THR B 196 -1.15 25.53 3.09
C THR B 196 0.17 24.93 3.54
N THR B 197 1.28 25.55 3.12
CA THR B 197 2.61 25.18 3.56
C THR B 197 3.20 26.16 4.55
N ASP B 198 2.36 26.99 5.19
CA ASP B 198 2.81 27.89 6.24
C ASP B 198 2.37 27.32 7.59
N VAL B 199 3.07 26.29 8.02
CA VAL B 199 2.70 25.53 9.20
C VAL B 199 3.94 25.31 10.07
N ASP B 200 3.75 25.42 11.38
CA ASP B 200 4.74 24.94 12.36
C ASP B 200 4.57 23.43 12.43
N TRP B 201 5.36 22.72 11.61
CA TRP B 201 5.13 21.29 11.40
C TRP B 201 5.27 20.50 12.68
N ASP B 202 6.29 20.80 13.49
CA ASP B 202 6.54 20.00 14.68
C ASP B 202 5.46 20.25 15.74
N LYS B 203 5.02 21.50 15.89
CA LYS B 203 4.01 21.82 16.90
C LYS B 203 2.68 21.15 16.56
N THR B 204 2.27 21.21 15.29
CA THR B 204 1.02 20.59 14.88
C THR B 204 1.09 19.08 14.99
N PHE B 205 2.18 18.47 14.51
CA PHE B 205 2.32 17.03 14.64
C PHE B 205 2.13 16.59 16.10
N ALA B 206 2.85 17.21 17.02
CA ALA B 206 2.75 16.83 18.43
C ALA B 206 1.34 16.99 18.95
N SER B 207 0.66 18.07 18.54
CA SER B 207 -0.73 18.27 18.96
C SER B 207 -1.65 17.20 18.39
N VAL B 208 -1.55 16.93 17.09
CA VAL B 208 -2.42 15.93 16.46
C VAL B 208 -2.24 14.58 17.14
N ARG B 209 -0.99 14.18 17.35
CA ARG B 209 -0.72 12.88 17.96
C ARG B 209 -1.38 12.78 19.33
N SER B 210 -1.30 13.84 20.13
CA SER B 210 -1.83 13.78 21.48
C SER B 210 -3.36 13.82 21.48
N ILE B 211 -3.96 14.52 20.52
CA ILE B 211 -5.42 14.51 20.40
C ILE B 211 -5.91 13.12 20.01
N LEU B 212 -5.25 12.49 19.01
CA LEU B 212 -5.62 11.13 18.61
C LEU B 212 -5.57 10.16 19.79
N LEU B 213 -4.46 10.16 20.53
CA LEU B 213 -4.31 9.24 21.65
C LEU B 213 -5.32 9.56 22.76
N ARG B 214 -5.50 10.84 23.06
CA ARG B 214 -6.42 11.23 24.13
C ARG B 214 -7.87 10.89 23.77
N GLN B 215 -8.29 11.16 22.54
CA GLN B 215 -9.66 10.83 22.16
C GLN B 215 -9.87 9.32 22.18
N PHE B 216 -8.91 8.56 21.66
CA PHE B 216 -9.02 7.11 21.70
C PHE B 216 -9.25 6.62 23.13
N ALA B 217 -8.50 7.16 24.09
CA ALA B 217 -8.59 6.68 25.46
C ALA B 217 -9.90 7.08 26.13
N THR B 218 -10.32 8.35 25.98
CA THR B 218 -11.39 8.90 26.79
C THR B 218 -12.77 8.81 26.16
N VAL B 219 -12.86 8.62 24.85
CA VAL B 219 -14.16 8.54 24.20
C VAL B 219 -14.71 7.13 24.38
N HIS B 220 -15.89 7.04 24.99
CA HIS B 220 -16.58 5.76 25.10
C HIS B 220 -17.00 5.28 23.72
N SER B 221 -16.54 4.10 23.34
CA SER B 221 -16.64 3.60 21.97
C SER B 221 -17.85 2.69 21.80
N LEU B 222 -18.73 3.05 20.86
CA LEU B 222 -19.81 2.18 20.45
C LEU B 222 -19.43 1.32 19.24
N ALA B 223 -18.27 1.60 18.62
CA ALA B 223 -17.74 0.86 17.49
C ALA B 223 -16.40 1.48 17.11
N LEU B 224 -15.51 0.70 16.48
CA LEU B 224 -14.30 1.32 15.95
C LEU B 224 -14.64 2.47 14.99
N GLN B 225 -15.68 2.29 14.17
CA GLN B 225 -16.15 3.35 13.28
C GLN B 225 -16.30 4.67 14.03
N GLN B 226 -16.94 4.61 15.21
CA GLN B 226 -17.29 5.83 15.93
C GLN B 226 -16.07 6.42 16.64
N THR B 227 -15.21 5.56 17.18
CA THR B 227 -13.95 6.03 17.74
C THR B 227 -13.12 6.78 16.70
N LEU B 228 -13.01 6.23 15.49
CA LEU B 228 -12.22 6.87 14.43
C LEU B 228 -12.78 8.22 14.05
N TYR B 229 -14.11 8.31 13.91
CA TYR B 229 -14.73 9.60 13.62
C TYR B 229 -14.45 10.59 14.75
N ALA B 230 -14.60 10.16 16.01
CA ALA B 230 -14.37 11.07 17.13
C ALA B 230 -12.93 11.56 17.16
N MET B 231 -11.98 10.66 16.92
CA MET B 231 -10.58 11.08 16.82
C MET B 231 -10.39 12.07 15.68
N GLY B 232 -10.92 11.75 14.50
CA GLY B 232 -10.67 12.60 13.34
C GLY B 232 -11.30 13.97 13.48
N SER B 233 -12.55 14.02 13.95
CA SER B 233 -13.22 15.31 14.10
C SER B 233 -12.52 16.18 15.13
N ALA B 234 -12.06 15.58 16.24
CA ALA B 234 -11.36 16.39 17.25
C ALA B 234 -10.09 17.01 16.68
N VAL B 235 -9.38 16.29 15.81
CA VAL B 235 -8.18 16.86 15.19
C VAL B 235 -8.56 18.05 14.33
N LEU B 236 -9.61 17.92 13.53
CA LEU B 236 -10.02 19.01 12.64
C LEU B 236 -10.54 20.21 13.44
N GLU B 237 -11.21 19.95 14.57
CA GLU B 237 -11.72 21.06 15.37
C GLU B 237 -10.60 21.83 16.06
N ALA B 238 -9.50 21.16 16.38
CA ALA B 238 -8.40 21.83 17.07
C ALA B 238 -7.40 22.47 16.12
N HIS B 239 -7.51 22.19 14.82
CA HIS B 239 -6.48 22.58 13.85
C HIS B 239 -7.14 23.03 12.56
N PRO B 240 -7.56 24.30 12.49
CA PRO B 240 -8.18 24.79 11.25
C PRO B 240 -7.26 24.68 10.04
N GLU B 241 -5.95 24.59 10.24
CA GLU B 241 -5.03 24.48 9.12
C GLU B 241 -5.06 23.11 8.45
N ILE B 242 -5.79 22.14 9.02
CA ILE B 242 -5.86 20.81 8.44
C ILE B 242 -7.19 20.66 7.69
N ALA B 243 -7.11 20.27 6.42
CA ALA B 243 -8.28 20.19 5.56
C ALA B 243 -9.05 18.88 5.74
N GLU B 244 -8.37 17.78 6.04
CA GLU B 244 -8.99 16.46 6.07
C GLU B 244 -8.02 15.48 6.70
N ILE B 245 -8.56 14.40 7.24
CA ILE B 245 -7.73 13.36 7.85
C ILE B 245 -8.36 11.99 7.56
N ARG B 246 -7.53 11.06 7.14
CA ARG B 246 -7.94 9.69 6.86
C ARG B 246 -7.34 8.78 7.91
N LEU B 247 -8.17 7.91 8.46
CA LEU B 247 -7.77 6.96 9.49
C LEU B 247 -8.03 5.54 9.01
N SER B 248 -7.07 4.67 9.28
CA SER B 248 -7.12 3.26 8.90
C SER B 248 -6.68 2.46 10.11
N ALA B 249 -7.62 1.71 10.69
CA ALA B 249 -7.40 1.03 11.96
C ALA B 249 -7.80 -0.45 11.83
N PRO B 250 -6.88 -1.38 11.98
CA PRO B 250 -7.30 -2.77 12.18
C PRO B 250 -7.91 -2.95 13.56
N ASN B 251 -8.94 -3.79 13.63
CA ASN B 251 -9.55 -4.21 14.89
C ASN B 251 -8.87 -5.51 15.26
N LYS B 252 -7.77 -5.40 16.02
CA LYS B 252 -6.96 -6.56 16.39
C LYS B 252 -7.69 -7.29 17.52
N HIS B 253 -8.34 -8.39 17.16
CA HIS B 253 -9.30 -9.03 18.05
C HIS B 253 -8.61 -9.70 19.23
N HIS B 254 -9.04 -9.32 20.42
CA HIS B 254 -8.62 -10.00 21.65
C HIS B 254 -9.83 -10.77 22.16
N PHE B 255 -9.86 -12.08 21.89
CA PHE B 255 -11.00 -12.91 22.23
C PHE B 255 -10.96 -13.32 23.70
N LEU B 256 -12.07 -13.12 24.39
CA LEU B 256 -12.23 -13.61 25.76
C LEU B 256 -12.24 -15.14 25.75
N VAL B 257 -11.26 -15.75 26.39
CA VAL B 257 -11.10 -17.20 26.26
C VAL B 257 -12.14 -17.89 27.13
N ASP B 258 -12.78 -18.92 26.59
CA ASP B 258 -13.78 -19.67 27.36
C ASP B 258 -13.04 -20.57 28.35
N LEU B 259 -13.14 -20.28 29.63
CA LEU B 259 -12.48 -21.09 30.64
C LEU B 259 -13.43 -22.01 31.39
N GLN B 260 -14.73 -21.91 31.14
CA GLN B 260 -15.67 -22.84 31.74
C GLN B 260 -15.27 -24.31 31.58
N PRO B 261 -14.74 -24.79 30.44
CA PRO B 261 -14.32 -26.19 30.34
C PRO B 261 -13.29 -26.58 31.39
N PHE B 262 -12.62 -25.63 32.00
CA PHE B 262 -11.58 -25.88 32.98
C PHE B 262 -12.02 -25.57 34.41
N GLY B 263 -13.33 -25.42 34.63
CA GLY B 263 -13.86 -25.08 35.95
C GLY B 263 -13.55 -23.67 36.44
N LEU B 264 -13.39 -22.71 35.53
CA LEU B 264 -12.94 -21.37 35.91
C LEU B 264 -13.85 -20.30 35.33
N ASP B 265 -13.95 -19.18 36.06
CA ASP B 265 -14.57 -17.97 35.53
C ASP B 265 -13.56 -17.20 34.70
N ASN B 266 -14.07 -16.31 33.83
CA ASN B 266 -13.21 -15.40 33.08
C ASN B 266 -13.95 -14.08 32.90
N PRO B 267 -13.98 -13.25 33.94
CA PRO B 267 -14.75 -12.00 33.84
C PRO B 267 -13.94 -10.86 33.22
N GLY B 268 -13.73 -10.96 31.91
CA GLY B 268 -12.96 -9.97 31.19
C GLY B 268 -11.48 -9.91 31.53
N GLU B 269 -10.85 -11.06 31.83
CA GLU B 269 -9.47 -11.06 32.31
C GLU B 269 -8.47 -11.73 31.37
N VAL B 270 -8.81 -12.85 30.75
CA VAL B 270 -7.84 -13.63 30.00
C VAL B 270 -8.26 -13.63 28.55
N PHE B 271 -7.37 -13.14 27.66
CA PHE B 271 -7.72 -12.97 26.26
C PHE B 271 -6.66 -13.60 25.36
N TYR B 272 -7.13 -14.07 24.21
CA TYR B 272 -6.28 -14.59 23.15
C TYR B 272 -6.16 -13.51 22.07
N ALA B 273 -4.95 -12.99 21.86
CA ALA B 273 -4.72 -11.93 20.89
C ALA B 273 -4.50 -12.55 19.52
N SER B 274 -5.54 -12.55 18.69
CA SER B 274 -5.50 -13.16 17.37
C SER B 274 -4.77 -12.26 16.37
N ASP B 275 -4.01 -12.89 15.47
CA ASP B 275 -3.23 -12.16 14.45
C ASP B 275 -4.07 -11.86 13.22
N ARG B 276 -4.65 -12.90 12.62
CA ARG B 276 -5.49 -12.79 11.44
C ARG B 276 -6.66 -13.75 11.59
N PRO B 277 -7.85 -13.39 11.07
CA PRO B 277 -8.13 -12.14 10.35
C PRO B 277 -8.35 -10.99 11.32
N TYR B 278 -8.45 -9.77 10.82
CA TYR B 278 -8.73 -8.60 11.65
C TYR B 278 -9.69 -7.68 10.93
N GLY B 279 -10.59 -7.04 11.69
CA GLY B 279 -11.41 -6.00 11.12
C GLY B 279 -10.51 -4.91 10.58
N LEU B 280 -10.92 -4.28 9.48
CA LEU B 280 -10.20 -3.13 8.94
C LEU B 280 -11.22 -2.03 8.73
N ILE B 281 -11.15 -0.98 9.54
CA ILE B 281 -12.13 0.08 9.55
C ILE B 281 -11.44 1.36 9.13
N GLU B 282 -11.93 1.99 8.06
CA GLU B 282 -11.24 3.07 7.39
C GLU B 282 -12.21 4.22 7.20
N ALA B 283 -11.83 5.41 7.68
CA ALA B 283 -12.73 6.56 7.60
C ALA B 283 -11.95 7.84 7.29
N SER B 284 -12.62 8.71 6.56
CA SER B 284 -12.15 10.05 6.22
C SER B 284 -12.99 11.07 6.97
N VAL B 285 -12.34 12.05 7.59
CA VAL B 285 -13.02 13.18 8.21
C VAL B 285 -12.57 14.44 7.47
N VAL B 286 -13.53 15.23 7.00
CA VAL B 286 -13.27 16.30 6.06
C VAL B 286 -14.01 17.58 6.46
N ARG B 287 -13.44 18.70 6.05
CA ARG B 287 -14.11 20.00 6.14
C ARG B 287 -14.95 20.17 4.88
N ASP B 288 -16.26 20.30 5.03
CA ASP B 288 -17.10 20.41 3.85
C ASP B 288 -17.00 21.76 3.15
N ASP B 289 -16.34 22.75 3.76
CA ASP B 289 -16.22 24.08 3.16
C ASP B 289 -14.89 24.30 2.43
N VAL B 290 -14.06 23.27 2.28
CA VAL B 290 -12.83 23.41 1.50
C VAL B 290 -12.85 22.37 0.38
N PRO B 291 -12.27 22.67 -0.78
CA PRO B 291 -12.28 21.71 -1.88
C PRO B 291 -11.26 20.58 -1.69
N GLU B 292 -11.52 19.47 -2.36
CA GLU B 292 -10.59 18.36 -2.34
C GLU B 292 -9.31 18.71 -3.08
N ALA B 293 -8.24 17.99 -2.76
CA ALA B 293 -6.94 18.13 -3.43
C ALA B 293 -6.46 16.75 -3.84
N PRO B 294 -7.07 16.15 -4.87
CA PRO B 294 -6.61 14.82 -5.31
C PRO B 294 -5.13 14.76 -5.62
N GLU B 295 -4.54 15.87 -6.09
CA GLU B 295 -3.12 15.87 -6.43
C GLU B 295 -2.26 15.44 -5.25
N ALA B 296 -2.64 15.89 -4.04
CA ALA B 296 -1.90 15.55 -2.83
C ALA B 296 -1.86 14.04 -2.59
N TRP B 297 -2.92 13.33 -2.98
CA TRP B 297 -3.09 11.93 -2.63
C TRP B 297 -2.71 10.97 -3.75
N LEU B 298 -2.26 11.48 -4.90
CA LEU B 298 -2.02 10.63 -6.06
C LEU B 298 -0.87 9.66 -5.80
N ALA B 299 -1.14 8.37 -6.02
CA ALA B 299 -0.22 7.26 -5.75
C ALA B 299 0.11 7.12 -4.27
N THR B 300 -0.79 7.57 -3.38
CA THR B 300 -0.74 7.27 -1.95
C THR B 300 -1.85 6.30 -1.59
N PRO B 301 -1.55 5.17 -0.93
CA PRO B 301 -0.28 4.70 -0.39
C PRO B 301 0.69 4.11 -1.41
N GLY B 302 0.22 3.82 -2.63
CA GLY B 302 1.09 3.26 -3.66
C GLY B 302 0.54 3.53 -5.04
N PHE B 303 1.34 3.16 -6.05
CA PHE B 303 0.97 3.38 -7.44
C PHE B 303 -0.09 2.40 -7.94
N CYS B 304 -0.08 1.17 -7.46
CA CYS B 304 -1.00 0.16 -7.97
C CYS B 304 -0.97 -1.09 -7.09
#